data_5EWT
#
_entry.id   5EWT
#
_cell.length_a   79.138
_cell.length_b   79.138
_cell.length_c   54.971
_cell.angle_alpha   90.00
_cell.angle_beta   90.00
_cell.angle_gamma   90.00
#
_symmetry.space_group_name_H-M   'P 41'
#
loop_
_entity.id
_entity.type
_entity.pdbx_description
1 polymer 'Exodeoxyribonuclease III Xth'
2 water water
#
_entity_poly.entity_id   1
_entity_poly.type   'polypeptide(L)'
_entity_poly.pdbx_seq_one_letter_code
;MKIVSWNVNGIRAALKKNLIDFIENNMFEVIMFQETKGDIVPLDFIMMGYEVISFPAKRKGYSGVMTLTKIKPINVIKGL
QIKEFDDEGRTVTLELKDFYVINAAFPRAGDNLERLDFKLKFNNEIENFVLKLRRAKPVILCGDFNIAHQNIDGAFSDPT
IPGLTPQERSWFSHFLSLGFIDTFRYLHPNVRKYSWWSYMGKAREKNLGLRLDYCIVSEELKDRIKMADILIDIQGSDHA
PIILELT
;
_entity_poly.pdbx_strand_id   A
#
# COMPACT_ATOMS: atom_id res chain seq x y z
N MET A 1 -9.85 -9.94 7.60
CA MET A 1 -11.06 -9.20 7.92
C MET A 1 -10.79 -7.74 8.32
N LYS A 2 -9.81 -7.51 9.19
CA LYS A 2 -9.18 -6.20 9.32
C LYS A 2 -7.82 -6.21 8.66
N ILE A 3 -7.62 -5.32 7.69
CA ILE A 3 -6.46 -5.29 6.83
C ILE A 3 -5.84 -3.90 6.93
N VAL A 4 -4.55 -3.83 7.24
CA VAL A 4 -3.87 -2.56 7.45
C VAL A 4 -2.65 -2.48 6.53
N SER A 5 -2.39 -1.28 6.01
CA SER A 5 -1.23 -1.03 5.18
C SER A 5 -0.55 0.24 5.68
N TRP A 6 0.78 0.20 5.74
CA TRP A 6 1.53 1.33 6.30
C TRP A 6 2.90 1.37 5.67
N ASN A 7 3.25 2.51 5.07
CA ASN A 7 4.62 2.76 4.61
C ASN A 7 5.40 3.22 5.83
N VAL A 8 6.30 2.36 6.32
CA VAL A 8 6.94 2.58 7.61
C VAL A 8 8.39 3.02 7.42
N ASN A 9 8.68 3.73 6.33
CA ASN A 9 10.06 4.12 6.06
C ASN A 9 10.68 4.92 7.20
N GLY A 10 9.86 5.59 8.01
CA GLY A 10 10.38 6.41 9.08
C GLY A 10 10.50 5.76 10.44
N ILE A 11 10.07 4.50 10.58
CA ILE A 11 10.05 3.84 11.88
C ILE A 11 11.47 3.39 12.21
N ARG A 12 12.06 3.97 13.25
CA ARG A 12 13.40 3.63 13.67
C ARG A 12 13.60 4.06 15.11
N ALA A 13 14.58 3.45 15.77
CA ALA A 13 15.07 3.83 17.10
C ALA A 13 13.89 3.85 18.07
N ALA A 14 13.65 4.94 18.78
CA ALA A 14 12.56 4.98 19.75
C ALA A 14 11.19 5.04 19.09
N LEU A 15 11.12 5.47 17.82
CA LEU A 15 9.84 5.48 17.12
C LEU A 15 9.26 4.08 16.94
N LYS A 16 10.09 3.05 17.06
CA LYS A 16 9.62 1.67 16.96
C LYS A 16 8.48 1.39 17.92
N LYS A 17 8.44 2.10 19.06
CA LYS A 17 7.34 1.94 20.01
C LYS A 17 6.00 2.29 19.37
N ASN A 18 5.97 3.29 18.48
CA ASN A 18 4.74 3.63 17.79
C ASN A 18 4.15 2.42 17.08
N LEU A 19 4.99 1.71 16.34
CA LEU A 19 4.52 0.58 15.53
C LEU A 19 4.10 -0.58 16.41
N ILE A 20 4.93 -0.94 17.40
CA ILE A 20 4.63 -2.09 18.26
C ILE A 20 3.33 -1.85 19.02
N ASP A 21 3.19 -0.66 19.62
CA ASP A 21 1.95 -0.35 20.33
C ASP A 21 0.75 -0.39 19.40
N PHE A 22 0.92 0.13 18.18
CA PHE A 22 -0.17 0.13 17.21
C PHE A 22 -0.65 -1.28 16.92
N ILE A 23 0.29 -2.21 16.71
CA ILE A 23 -0.08 -3.59 16.42
C ILE A 23 -0.70 -4.24 17.65
N GLU A 24 -0.13 -4.01 18.82
CA GLU A 24 -0.59 -4.70 20.03
C GLU A 24 -1.89 -4.13 20.57
N ASN A 25 -2.20 -2.86 20.32
CA ASN A 25 -3.48 -2.29 20.72
C ASN A 25 -4.63 -2.76 19.84
N ASN A 26 -4.36 -3.52 18.79
CA ASN A 26 -5.38 -3.90 17.82
C ASN A 26 -5.31 -5.40 17.55
N MET A 27 -6.27 -5.88 16.78
CA MET A 27 -6.39 -7.30 16.45
C MET A 27 -6.35 -7.51 14.94
N PHE A 28 -5.46 -6.81 14.25
CA PHE A 28 -5.43 -6.82 12.79
C PHE A 28 -5.07 -8.21 12.28
N GLU A 29 -5.88 -8.74 11.37
CA GLU A 29 -5.59 -10.06 10.80
C GLU A 29 -4.44 -9.99 9.81
N VAL A 30 -4.38 -8.95 8.98
CA VAL A 30 -3.34 -8.79 7.96
C VAL A 30 -2.76 -7.39 8.07
N ILE A 31 -1.43 -7.31 8.14
CA ILE A 31 -0.72 -6.04 8.22
C ILE A 31 0.34 -6.01 7.13
N MET A 32 0.32 -4.98 6.31
CA MET A 32 1.21 -4.87 5.16
C MET A 32 2.10 -3.65 5.33
N PHE A 33 3.42 -3.87 5.34
CA PHE A 33 4.39 -2.80 5.46
C PHE A 33 5.07 -2.55 4.13
N GLN A 34 5.34 -1.29 3.83
CA GLN A 34 6.23 -0.94 2.73
C GLN A 34 7.44 -0.22 3.29
N GLU A 35 8.57 -0.36 2.59
CA GLU A 35 9.79 0.37 2.93
C GLU A 35 10.30 -0.01 4.33
N THR A 36 10.42 -1.32 4.56
CA THR A 36 10.85 -1.86 5.83
C THR A 36 12.34 -1.67 6.04
N LYS A 37 12.73 -1.24 7.24
CA LYS A 37 14.13 -0.97 7.53
C LYS A 37 14.64 -1.83 8.69
N GLY A 38 15.64 -1.32 9.41
CA GLY A 38 16.33 -2.09 10.43
C GLY A 38 15.55 -2.35 11.70
N ASP A 39 14.87 -1.33 12.22
CA ASP A 39 14.15 -1.50 13.49
C ASP A 39 12.88 -2.34 13.35
N ILE A 40 12.51 -2.74 12.15
CA ILE A 40 11.35 -3.59 11.92
C ILE A 40 11.89 -5.00 11.67
N VAL A 41 11.88 -5.83 12.71
CA VAL A 41 12.47 -7.16 12.60
C VAL A 41 11.39 -8.21 12.80
N PRO A 42 11.41 -9.29 12.02
CA PRO A 42 10.34 -10.30 12.10
C PRO A 42 10.14 -10.87 13.50
N LEU A 43 11.18 -10.93 14.33
CA LEU A 43 11.04 -11.52 15.66
C LEU A 43 9.99 -10.76 16.48
N ASP A 44 9.90 -9.44 16.30
CA ASP A 44 8.89 -8.64 16.98
C ASP A 44 7.49 -9.23 16.81
N PHE A 45 7.16 -9.67 15.60
CA PHE A 45 5.80 -10.04 15.26
C PHE A 45 5.53 -11.53 15.36
N ILE A 46 6.55 -12.36 15.14
CA ILE A 46 6.43 -13.78 15.39
C ILE A 46 6.00 -14.03 16.84
N MET A 47 6.57 -13.25 17.77
CA MET A 47 6.19 -13.38 19.17
C MET A 47 4.72 -13.04 19.41
N MET A 48 4.13 -12.18 18.57
CA MET A 48 2.72 -11.86 18.71
C MET A 48 1.80 -12.88 18.04
N GLY A 49 2.35 -13.91 17.41
CA GLY A 49 1.54 -14.87 16.72
C GLY A 49 1.35 -14.62 15.24
N TYR A 50 2.12 -13.70 14.66
CA TYR A 50 2.04 -13.44 13.22
C TYR A 50 3.01 -14.29 12.45
N GLU A 51 2.57 -14.79 11.30
CA GLU A 51 3.48 -15.28 10.28
C GLU A 51 4.00 -14.09 9.50
N VAL A 52 5.32 -14.04 9.30
CA VAL A 52 5.96 -12.88 8.68
C VAL A 52 6.44 -13.30 7.29
N ILE A 53 5.89 -12.66 6.26
CA ILE A 53 6.35 -12.85 4.89
C ILE A 53 7.15 -11.62 4.51
N SER A 54 8.43 -11.83 4.19
N SER A 54 8.44 -11.82 4.23
CA SER A 54 9.36 -10.73 3.91
CA SER A 54 9.35 -10.75 3.90
C SER A 54 9.91 -10.84 2.50
C SER A 54 9.79 -10.86 2.45
N PHE A 55 9.92 -9.71 1.78
CA PHE A 55 10.46 -9.63 0.42
C PHE A 55 11.46 -8.48 0.40
N PRO A 56 12.67 -8.71 0.87
CA PRO A 56 13.65 -7.62 0.92
C PRO A 56 14.06 -7.15 -0.47
N ALA A 57 14.48 -5.89 -0.54
CA ALA A 57 15.09 -5.38 -1.76
C ALA A 57 16.55 -5.81 -1.80
N LYS A 58 16.95 -6.42 -2.93
CA LYS A 58 18.36 -6.70 -3.12
C LYS A 58 19.13 -5.43 -3.44
N ARG A 59 18.50 -4.49 -4.15
CA ARG A 59 19.20 -3.32 -4.65
C ARG A 59 19.64 -2.41 -3.52
N LYS A 60 20.82 -1.81 -3.69
CA LYS A 60 21.35 -0.85 -2.72
C LYS A 60 20.48 0.40 -2.72
N GLY A 61 20.11 0.85 -1.51
CA GLY A 61 19.36 2.07 -1.35
C GLY A 61 17.86 1.91 -1.40
N TYR A 62 17.35 0.69 -1.32
CA TYR A 62 15.93 0.42 -1.43
C TYR A 62 15.50 -0.54 -0.34
N SER A 63 14.24 -0.42 0.06
CA SER A 63 13.67 -1.22 1.14
C SER A 63 12.44 -1.93 0.62
N GLY A 64 12.35 -3.23 0.91
CA GLY A 64 11.29 -4.07 0.38
C GLY A 64 10.02 -3.97 1.18
N VAL A 65 9.16 -4.96 1.00
CA VAL A 65 7.87 -5.00 1.66
C VAL A 65 7.85 -6.19 2.63
N MET A 66 6.88 -6.17 3.53
CA MET A 66 6.70 -7.23 4.52
C MET A 66 5.22 -7.33 4.86
N THR A 67 4.71 -8.55 4.95
CA THR A 67 3.30 -8.78 5.29
C THR A 67 3.21 -9.67 6.52
N LEU A 68 2.39 -9.25 7.48
CA LEU A 68 2.11 -10.01 8.69
C LEU A 68 0.70 -10.60 8.57
N THR A 69 0.54 -11.87 8.93
CA THR A 69 -0.79 -12.45 8.81
C THR A 69 -1.07 -13.43 9.94
N LYS A 70 -2.28 -13.32 10.50
CA LYS A 70 -2.85 -14.32 11.38
C LYS A 70 -3.66 -15.36 10.63
N ILE A 71 -3.87 -15.16 9.33
CA ILE A 71 -4.59 -16.12 8.49
C ILE A 71 -3.54 -16.86 7.68
N LYS A 72 -3.49 -18.18 7.85
CA LYS A 72 -2.49 -18.97 7.14
C LYS A 72 -2.76 -18.90 5.65
N PRO A 73 -1.80 -18.45 4.84
CA PRO A 73 -2.04 -18.33 3.40
C PRO A 73 -2.03 -19.68 2.70
N ILE A 74 -2.89 -19.78 1.69
CA ILE A 74 -2.86 -20.95 0.80
C ILE A 74 -1.61 -20.91 -0.06
N ASN A 75 -1.22 -19.72 -0.51
CA ASN A 75 -0.05 -19.53 -1.34
C ASN A 75 0.53 -18.14 -1.08
N VAL A 76 1.83 -18.01 -1.30
CA VAL A 76 2.54 -16.74 -1.20
C VAL A 76 3.27 -16.50 -2.50
N ILE A 77 3.11 -15.32 -3.07
CA ILE A 77 3.78 -14.93 -4.31
C ILE A 77 4.60 -13.70 -4.01
N LYS A 78 5.93 -13.82 -4.12
CA LYS A 78 6.83 -12.69 -3.95
C LYS A 78 7.16 -12.11 -5.32
N GLY A 79 6.87 -10.83 -5.51
CA GLY A 79 7.23 -10.15 -6.74
C GLY A 79 6.21 -10.31 -7.85
N LEU A 80 6.58 -9.75 -9.00
CA LEU A 80 5.75 -9.75 -10.19
C LEU A 80 6.37 -10.56 -11.32
N GLN A 81 7.47 -11.26 -11.07
N GLN A 81 7.46 -11.28 -11.05
CA GLN A 81 8.22 -11.98 -12.09
CA GLN A 81 8.26 -11.96 -12.07
C GLN A 81 8.77 -11.02 -13.15
C GLN A 81 8.70 -10.98 -13.16
N ILE A 82 9.15 -9.81 -12.71
CA ILE A 82 9.77 -8.79 -13.57
C ILE A 82 10.96 -8.25 -12.77
N LYS A 83 12.16 -8.45 -13.30
CA LYS A 83 13.35 -8.34 -12.46
C LYS A 83 13.60 -6.93 -11.97
N GLU A 84 13.38 -5.92 -12.82
CA GLU A 84 13.70 -4.55 -12.41
C GLU A 84 12.82 -4.07 -11.27
N PHE A 85 11.64 -4.66 -11.10
CA PHE A 85 10.77 -4.33 -9.98
C PHE A 85 10.99 -5.24 -8.78
N ASP A 86 11.14 -6.55 -9.02
CA ASP A 86 11.33 -7.47 -7.91
C ASP A 86 12.65 -7.23 -7.19
N ASP A 87 13.68 -6.76 -7.90
CA ASP A 87 14.94 -6.42 -7.23
C ASP A 87 14.80 -5.27 -6.26
N GLU A 88 13.69 -4.54 -6.30
CA GLU A 88 13.43 -3.48 -5.33
C GLU A 88 12.40 -3.91 -4.29
N GLY A 89 12.01 -5.18 -4.30
CA GLY A 89 11.17 -5.76 -3.25
C GLY A 89 9.81 -5.11 -3.11
N ARG A 90 9.09 -5.00 -4.22
CA ARG A 90 7.96 -4.08 -4.25
C ARG A 90 6.58 -4.73 -4.11
N THR A 91 6.46 -6.05 -4.24
N THR A 91 6.49 -6.06 -4.13
CA THR A 91 5.15 -6.67 -4.07
CA THR A 91 5.19 -6.73 -4.16
C THR A 91 5.25 -8.00 -3.35
C THR A 91 5.24 -8.05 -3.40
N VAL A 92 4.30 -8.24 -2.47
CA VAL A 92 4.10 -9.51 -1.77
C VAL A 92 2.62 -9.82 -1.80
N THR A 93 2.27 -11.03 -2.24
CA THR A 93 0.87 -11.43 -2.38
C THR A 93 0.61 -12.67 -1.56
N LEU A 94 -0.50 -12.66 -0.80
CA LEU A 94 -1.00 -13.84 -0.10
C LEU A 94 -2.26 -14.31 -0.81
N GLU A 95 -2.35 -15.61 -1.08
CA GLU A 95 -3.61 -16.20 -1.50
C GLU A 95 -4.34 -16.67 -0.24
N LEU A 96 -5.47 -16.04 0.06
CA LEU A 96 -6.36 -16.52 1.10
C LEU A 96 -7.54 -17.23 0.44
N LYS A 97 -8.50 -17.68 1.27
CA LYS A 97 -9.60 -18.46 0.72
C LYS A 97 -10.48 -17.63 -0.21
N ASP A 98 -10.89 -16.44 0.25
CA ASP A 98 -11.85 -15.64 -0.49
C ASP A 98 -11.21 -14.70 -1.50
N PHE A 99 -9.91 -14.43 -1.39
CA PHE A 99 -9.29 -13.43 -2.25
C PHE A 99 -7.77 -13.50 -2.11
N TYR A 100 -7.09 -12.89 -3.09
CA TYR A 100 -5.68 -12.55 -2.95
C TYR A 100 -5.55 -11.18 -2.30
N VAL A 101 -4.51 -11.01 -1.50
CA VAL A 101 -4.19 -9.72 -0.88
C VAL A 101 -2.78 -9.33 -1.28
N ILE A 102 -2.66 -8.23 -2.03
CA ILE A 102 -1.38 -7.76 -2.56
C ILE A 102 -0.89 -6.58 -1.73
N ASN A 103 0.37 -6.67 -1.30
CA ASN A 103 1.09 -5.60 -0.63
C ASN A 103 2.02 -4.97 -1.66
N ALA A 104 1.71 -3.74 -2.10
CA ALA A 104 2.46 -3.10 -3.18
C ALA A 104 3.11 -1.81 -2.70
N ALA A 105 4.39 -1.64 -3.03
CA ALA A 105 5.09 -0.37 -2.88
C ALA A 105 5.35 0.18 -4.28
N PHE A 106 4.45 1.06 -4.76
CA PHE A 106 4.64 1.65 -6.08
C PHE A 106 5.84 2.59 -6.08
N PRO A 107 6.61 2.63 -7.16
CA PRO A 107 7.74 3.57 -7.22
C PRO A 107 7.29 5.02 -7.19
N ARG A 108 8.10 5.85 -6.54
CA ARG A 108 7.95 7.29 -6.66
C ARG A 108 8.61 7.75 -7.96
N ALA A 109 7.95 8.65 -8.67
CA ALA A 109 8.45 9.04 -9.99
C ALA A 109 9.70 9.91 -9.92
N GLY A 110 10.05 10.42 -8.76
CA GLY A 110 11.19 11.31 -8.63
C GLY A 110 10.81 12.78 -8.78
N ASP A 111 11.51 13.64 -8.03
CA ASP A 111 11.18 15.05 -8.09
C ASP A 111 11.61 15.72 -9.39
N ASN A 112 12.47 15.07 -10.17
CA ASN A 112 12.71 15.47 -11.54
C ASN A 112 12.05 14.52 -12.53
N LEU A 113 11.09 13.73 -12.04
CA LEU A 113 10.37 12.74 -12.86
C LEU A 113 11.33 11.78 -13.56
N GLU A 114 12.51 11.59 -12.97
CA GLU A 114 13.52 10.72 -13.58
C GLU A 114 13.16 9.25 -13.52
N ARG A 115 12.17 8.88 -12.70
CA ARG A 115 11.71 7.51 -12.62
C ARG A 115 10.24 7.37 -13.05
N LEU A 116 9.74 8.33 -13.83
CA LEU A 116 8.33 8.31 -14.23
C LEU A 116 8.04 7.14 -15.18
N ASP A 117 8.86 6.96 -16.21
CA ASP A 117 8.61 5.82 -17.09
C ASP A 117 8.68 4.51 -16.31
N PHE A 118 9.60 4.43 -15.36
CA PHE A 118 9.69 3.26 -14.49
C PHE A 118 8.39 3.05 -13.73
N LYS A 119 7.82 4.14 -13.20
CA LYS A 119 6.55 4.05 -12.48
C LYS A 119 5.41 3.63 -13.40
N LEU A 120 5.34 4.21 -14.61
CA LEU A 120 4.25 3.84 -15.50
C LEU A 120 4.36 2.39 -15.97
N LYS A 121 5.58 1.87 -16.08
CA LYS A 121 5.72 0.46 -16.43
C LYS A 121 5.29 -0.43 -15.26
N PHE A 122 5.63 -0.02 -14.03
CA PHE A 122 5.15 -0.74 -12.85
C PHE A 122 3.63 -0.79 -12.83
N ASN A 123 2.98 0.36 -13.08
CA ASN A 123 1.52 0.41 -13.13
C ASN A 123 0.97 -0.66 -14.07
N ASN A 124 1.56 -0.77 -15.26
CA ASN A 124 1.03 -1.73 -16.22
C ASN A 124 1.32 -3.16 -15.78
N GLU A 125 2.49 -3.41 -15.18
CA GLU A 125 2.81 -4.76 -14.78
C GLU A 125 1.95 -5.22 -13.61
N ILE A 126 1.72 -4.34 -12.64
CA ILE A 126 0.87 -4.76 -11.53
C ILE A 126 -0.58 -4.88 -11.99
N GLU A 127 -1.00 -4.04 -12.95
CA GLU A 127 -2.33 -4.18 -13.55
C GLU A 127 -2.50 -5.55 -14.19
N ASN A 128 -1.51 -5.98 -14.98
CA ASN A 128 -1.61 -7.29 -15.63
C ASN A 128 -1.55 -8.42 -14.60
N PHE A 129 -0.69 -8.26 -13.59
CA PHE A 129 -0.61 -9.22 -12.49
C PHE A 129 -1.95 -9.39 -11.80
N VAL A 130 -2.59 -8.27 -11.46
CA VAL A 130 -3.90 -8.30 -10.80
C VAL A 130 -4.94 -8.97 -11.69
N LEU A 131 -4.92 -8.67 -12.99
CA LEU A 131 -5.93 -9.24 -13.87
C LEU A 131 -5.75 -10.74 -14.04
N LYS A 132 -4.50 -11.23 -13.96
N LYS A 132 -4.50 -11.23 -13.98
CA LYS A 132 -4.29 -12.68 -14.03
CA LYS A 132 -4.29 -12.68 -14.03
C LYS A 132 -4.81 -13.37 -12.78
C LYS A 132 -4.86 -13.34 -12.77
N LEU A 133 -4.55 -12.80 -11.60
CA LEU A 133 -5.07 -13.37 -10.35
C LEU A 133 -6.58 -13.35 -10.32
N ARG A 134 -7.19 -12.28 -10.86
CA ARG A 134 -8.63 -12.11 -10.77
C ARG A 134 -9.40 -13.20 -11.52
N ARG A 135 -8.75 -13.88 -12.46
N ARG A 135 -8.75 -13.87 -12.48
CA ARG A 135 -9.41 -14.98 -13.16
CA ARG A 135 -9.42 -14.98 -13.14
C ARG A 135 -9.71 -16.15 -12.22
C ARG A 135 -9.79 -16.08 -12.15
N ALA A 136 -8.98 -16.26 -11.11
CA ALA A 136 -9.19 -17.32 -10.13
C ALA A 136 -10.01 -16.85 -8.94
N LYS A 137 -9.64 -15.71 -8.35
CA LYS A 137 -10.30 -15.22 -7.15
C LYS A 137 -10.27 -13.69 -7.17
N PRO A 138 -11.19 -13.04 -6.46
CA PRO A 138 -11.12 -11.58 -6.36
C PRO A 138 -9.83 -11.13 -5.69
N VAL A 139 -9.53 -9.83 -5.83
CA VAL A 139 -8.21 -9.30 -5.49
C VAL A 139 -8.38 -8.08 -4.61
N ILE A 140 -7.54 -7.98 -3.57
CA ILE A 140 -7.41 -6.78 -2.76
C ILE A 140 -5.98 -6.27 -2.96
N LEU A 141 -5.85 -5.03 -3.43
CA LEU A 141 -4.55 -4.42 -3.69
C LEU A 141 -4.40 -3.23 -2.77
N CYS A 142 -3.49 -3.34 -1.79
CA CYS A 142 -3.23 -2.26 -0.83
C CYS A 142 -1.78 -1.83 -0.92
N GLY A 143 -1.52 -0.58 -0.59
CA GLY A 143 -0.16 -0.14 -0.39
C GLY A 143 0.01 1.33 -0.69
N ASP A 144 1.27 1.71 -0.83
CA ASP A 144 1.66 3.08 -1.16
C ASP A 144 1.72 3.20 -2.67
N PHE A 145 0.72 3.86 -3.26
CA PHE A 145 0.64 4.00 -4.70
C PHE A 145 1.49 5.14 -5.22
N ASN A 146 1.89 6.07 -4.36
CA ASN A 146 2.61 7.27 -4.80
C ASN A 146 1.83 7.95 -5.91
N ILE A 147 0.50 7.98 -5.77
CA ILE A 147 -0.39 8.68 -6.68
C ILE A 147 -1.44 9.36 -5.82
N ALA A 148 -1.71 10.63 -6.09
CA ALA A 148 -2.86 11.33 -5.52
C ALA A 148 -3.91 11.38 -6.63
N HIS A 149 -4.86 10.46 -6.59
CA HIS A 149 -5.72 10.19 -7.75
C HIS A 149 -6.45 11.43 -8.24
N GLN A 150 -7.24 12.07 -7.36
CA GLN A 150 -8.10 13.19 -7.73
C GLN A 150 -7.74 14.42 -6.91
N ASN A 151 -8.39 15.55 -7.26
CA ASN A 151 -8.13 16.79 -6.56
C ASN A 151 -8.40 16.65 -5.06
N ILE A 152 -9.45 15.91 -4.70
CA ILE A 152 -9.77 15.70 -3.29
C ILE A 152 -8.68 14.91 -2.56
N ASP A 153 -7.76 14.30 -3.29
CA ASP A 153 -6.66 13.54 -2.69
C ASP A 153 -5.42 14.39 -2.42
N GLY A 154 -5.51 15.71 -2.61
CA GLY A 154 -4.50 16.57 -2.03
C GLY A 154 -4.00 17.72 -2.85
N ALA A 155 -4.15 17.65 -4.17
CA ALA A 155 -3.55 18.66 -5.02
C ALA A 155 -4.11 18.53 -6.43
N PHE A 156 -4.00 19.62 -7.18
CA PHE A 156 -4.30 19.57 -8.60
C PHE A 156 -3.20 18.83 -9.33
N SER A 157 -3.54 18.23 -10.45
CA SER A 157 -2.52 17.57 -11.26
C SER A 157 -1.50 18.60 -11.72
N ASP A 158 -0.25 18.17 -11.77
CA ASP A 158 0.88 19.05 -12.08
C ASP A 158 1.90 18.20 -12.83
N PRO A 159 2.17 18.50 -14.09
CA PRO A 159 3.02 17.60 -14.89
C PRO A 159 4.47 17.56 -14.42
N THR A 160 4.80 18.27 -13.34
CA THR A 160 6.17 18.31 -12.84
C THR A 160 6.35 17.71 -11.45
N ILE A 161 5.29 17.28 -10.80
CA ILE A 161 5.34 16.84 -9.41
C ILE A 161 5.05 15.35 -9.34
N PRO A 162 5.96 14.53 -8.81
CA PRO A 162 5.71 13.09 -8.74
C PRO A 162 4.49 12.78 -7.88
N GLY A 163 3.63 11.89 -8.39
CA GLY A 163 2.40 11.53 -7.75
C GLY A 163 1.20 12.33 -8.21
N LEU A 164 1.43 13.47 -8.86
CA LEU A 164 0.38 14.32 -9.38
C LEU A 164 0.38 14.38 -10.90
N THR A 165 1.25 13.62 -11.57
CA THR A 165 1.35 13.77 -13.02
C THR A 165 0.08 13.28 -13.70
N PRO A 166 -0.28 13.88 -14.84
CA PRO A 166 -1.40 13.35 -15.62
C PRO A 166 -1.29 11.87 -15.92
N GLN A 167 -0.09 11.36 -16.22
CA GLN A 167 0.04 9.94 -16.53
C GLN A 167 -0.24 9.06 -15.32
N GLU A 168 0.26 9.45 -14.15
CA GLU A 168 -0.01 8.66 -12.94
C GLU A 168 -1.49 8.70 -12.60
N ARG A 169 -2.09 9.89 -12.64
CA ARG A 169 -3.50 10.00 -12.28
C ARG A 169 -4.37 9.27 -13.30
N SER A 170 -4.00 9.36 -14.59
CA SER A 170 -4.78 8.70 -15.63
C SER A 170 -4.75 7.18 -15.47
N TRP A 171 -3.61 6.62 -15.04
CA TRP A 171 -3.57 5.18 -14.87
C TRP A 171 -4.50 4.75 -13.74
N PHE A 172 -4.53 5.51 -12.65
CA PHE A 172 -5.38 5.16 -11.52
C PHE A 172 -6.85 5.12 -11.95
N SER A 173 -7.28 6.15 -12.69
CA SER A 173 -8.65 6.16 -13.23
C SER A 173 -8.89 4.95 -14.13
N HIS A 174 -7.94 4.66 -15.00
CA HIS A 174 -8.06 3.49 -15.87
C HIS A 174 -8.21 2.21 -15.06
N PHE A 175 -7.36 2.04 -14.06
CA PHE A 175 -7.41 0.82 -13.26
C PHE A 175 -8.78 0.63 -12.61
N LEU A 176 -9.33 1.69 -12.01
CA LEU A 176 -10.66 1.59 -11.41
C LEU A 176 -11.71 1.20 -12.45
N SER A 177 -11.56 1.69 -13.68
CA SER A 177 -12.54 1.41 -14.73
C SER A 177 -12.57 -0.06 -15.14
N LEU A 178 -11.54 -0.84 -14.78
CA LEU A 178 -11.54 -2.26 -15.05
C LEU A 178 -12.42 -3.04 -14.08
N GLY A 179 -13.00 -2.38 -13.08
CA GLY A 179 -13.87 -3.05 -12.13
C GLY A 179 -13.26 -3.13 -10.75
N PHE A 180 -12.68 -2.02 -10.29
CA PHE A 180 -12.04 -1.97 -8.98
C PHE A 180 -12.55 -0.76 -8.21
N ILE A 181 -12.51 -0.87 -6.88
CA ILE A 181 -13.13 0.09 -5.97
C ILE A 181 -12.09 0.59 -4.99
N ASP A 182 -11.87 1.91 -4.98
CA ASP A 182 -11.08 2.61 -3.96
C ASP A 182 -11.89 2.65 -2.67
N THR A 183 -11.52 1.84 -1.68
CA THR A 183 -12.44 1.56 -0.57
C THR A 183 -12.68 2.79 0.30
N PHE A 184 -11.65 3.58 0.59
CA PHE A 184 -11.90 4.79 1.37
C PHE A 184 -12.81 5.75 0.61
N ARG A 185 -12.56 5.94 -0.68
CA ARG A 185 -13.36 6.88 -1.45
C ARG A 185 -14.77 6.34 -1.66
N TYR A 186 -14.93 5.02 -1.69
CA TYR A 186 -16.26 4.43 -1.81
C TYR A 186 -17.10 4.74 -0.58
N LEU A 187 -16.55 4.47 0.61
CA LEU A 187 -17.32 4.69 1.82
C LEU A 187 -17.45 6.18 2.16
N HIS A 188 -16.51 7.01 1.71
CA HIS A 188 -16.47 8.43 2.04
C HIS A 188 -16.31 9.24 0.76
N PRO A 189 -17.37 9.36 -0.05
CA PRO A 189 -17.20 9.94 -1.40
C PRO A 189 -16.65 11.34 -1.42
N ASN A 190 -16.88 12.14 -0.38
CA ASN A 190 -16.53 13.54 -0.41
C ASN A 190 -15.68 13.96 0.80
N VAL A 191 -15.05 13.02 1.47
CA VAL A 191 -14.20 13.33 2.62
C VAL A 191 -12.76 13.55 2.16
N ARG A 192 -12.24 14.73 2.45
CA ARG A 192 -10.85 15.07 2.16
C ARG A 192 -10.01 14.64 3.36
N LYS A 193 -9.14 13.65 3.15
CA LYS A 193 -8.30 13.12 4.22
C LYS A 193 -7.03 12.58 3.58
N TYR A 194 -5.90 12.79 4.24
CA TYR A 194 -4.60 12.50 3.65
C TYR A 194 -3.91 11.37 4.39
N SER A 195 -2.95 10.73 3.70
CA SER A 195 -2.14 9.68 4.29
C SER A 195 -0.65 9.98 4.25
N TRP A 196 -0.24 11.11 3.67
CA TRP A 196 1.17 11.47 3.61
C TRP A 196 1.32 12.96 3.86
N TRP A 197 2.36 13.32 4.61
CA TRP A 197 2.77 14.70 4.80
C TRP A 197 4.29 14.74 4.86
N SER A 198 4.87 15.83 4.36
CA SER A 198 6.32 15.98 4.43
C SER A 198 6.81 15.82 5.87
N TYR A 199 7.99 15.20 6.01
CA TYR A 199 8.65 15.16 7.32
C TYR A 199 8.99 16.54 7.81
N MET A 200 9.20 17.48 6.90
CA MET A 200 9.79 18.78 7.21
C MET A 200 8.73 19.79 7.63
N GLY A 201 9.11 20.66 8.56
CA GLY A 201 8.30 21.77 8.96
C GLY A 201 7.00 21.33 9.62
N LYS A 202 5.97 22.15 9.43
CA LYS A 202 4.69 21.98 10.10
C LYS A 202 3.66 21.29 9.21
N ALA A 203 4.09 20.64 8.13
CA ALA A 203 3.15 20.12 7.14
C ALA A 203 2.14 19.18 7.77
N ARG A 204 2.61 18.21 8.56
CA ARG A 204 1.67 17.24 9.11
C ARG A 204 0.78 17.90 10.17
N GLU A 205 1.38 18.73 11.03
CA GLU A 205 0.59 19.46 12.03
C GLU A 205 -0.50 20.30 11.36
N LYS A 206 -0.19 20.89 10.21
CA LYS A 206 -1.14 21.71 9.48
C LYS A 206 -2.00 20.90 8.51
N ASN A 207 -1.82 19.58 8.45
CA ASN A 207 -2.54 18.69 7.55
C ASN A 207 -2.38 19.12 6.08
N LEU A 208 -1.17 19.53 5.71
CA LEU A 208 -0.85 19.86 4.33
C LEU A 208 -0.30 18.59 3.69
N GLY A 209 -1.20 17.77 3.15
CA GLY A 209 -0.77 16.46 2.72
C GLY A 209 -1.41 15.93 1.45
N LEU A 210 -1.20 14.64 1.19
CA LEU A 210 -1.76 13.96 0.03
C LEU A 210 -2.25 12.59 0.46
N ARG A 211 -3.26 12.06 -0.22
CA ARG A 211 -3.65 10.67 -0.03
C ARG A 211 -2.90 9.85 -1.08
N LEU A 212 -1.91 9.08 -0.63
CA LEU A 212 -1.08 8.27 -1.51
C LEU A 212 -1.25 6.78 -1.26
N ASP A 213 -1.95 6.40 -0.20
CA ASP A 213 -2.08 5.02 0.22
C ASP A 213 -3.53 4.60 0.07
N TYR A 214 -3.76 3.43 -0.53
CA TYR A 214 -5.10 2.97 -0.87
C TYR A 214 -5.20 1.48 -0.61
N CYS A 215 -6.43 1.04 -0.31
CA CYS A 215 -6.82 -0.36 -0.42
C CYS A 215 -7.91 -0.45 -1.48
N ILE A 216 -7.64 -1.16 -2.57
CA ILE A 216 -8.53 -1.26 -3.71
C ILE A 216 -9.00 -2.72 -3.82
N VAL A 217 -10.31 -2.92 -3.99
CA VAL A 217 -10.84 -4.28 -4.11
C VAL A 217 -11.52 -4.48 -5.46
N SER A 218 -11.47 -5.71 -5.96
CA SER A 218 -12.29 -6.11 -7.10
C SER A 218 -13.76 -5.83 -6.80
N GLU A 219 -14.52 -5.51 -7.84
N GLU A 219 -14.51 -5.49 -7.86
CA GLU A 219 -15.93 -5.16 -7.68
CA GLU A 219 -15.94 -5.18 -7.72
C GLU A 219 -16.75 -6.30 -7.08
C GLU A 219 -16.70 -6.30 -7.01
N GLU A 220 -16.28 -7.55 -7.19
CA GLU A 220 -16.98 -8.67 -6.57
C GLU A 220 -17.01 -8.57 -5.05
N LEU A 221 -16.05 -7.86 -4.45
CA LEU A 221 -15.97 -7.72 -3.01
C LEU A 221 -16.67 -6.48 -2.48
N LYS A 222 -17.37 -5.74 -3.34
CA LYS A 222 -18.01 -4.48 -2.95
C LYS A 222 -18.80 -4.62 -1.67
N ASP A 223 -19.68 -5.62 -1.61
CA ASP A 223 -20.58 -5.76 -0.46
C ASP A 223 -19.89 -6.32 0.78
N ARG A 224 -18.61 -6.69 0.69
CA ARG A 224 -17.85 -7.00 1.89
C ARG A 224 -17.25 -5.76 2.56
N ILE A 225 -17.22 -4.62 1.86
CA ILE A 225 -16.60 -3.43 2.44
C ILE A 225 -17.44 -2.96 3.62
N LYS A 226 -16.87 -2.96 4.81
CA LYS A 226 -17.57 -2.53 6.01
C LYS A 226 -17.04 -1.23 6.57
N MET A 227 -15.72 -1.05 6.61
CA MET A 227 -15.11 0.15 7.15
C MET A 227 -13.80 0.42 6.41
N ALA A 228 -13.49 1.69 6.24
CA ALA A 228 -12.23 2.08 5.62
C ALA A 228 -11.82 3.42 6.19
N ASP A 229 -10.52 3.59 6.44
CA ASP A 229 -10.10 4.82 7.11
C ASP A 229 -8.61 5.03 6.91
N ILE A 230 -8.17 6.23 7.27
CA ILE A 230 -6.76 6.57 7.38
C ILE A 230 -6.53 6.96 8.83
N LEU A 231 -5.60 6.28 9.49
CA LEU A 231 -5.40 6.46 10.93
C LEU A 231 -4.32 7.52 11.14
N ILE A 232 -4.72 8.77 10.94
CA ILE A 232 -3.74 9.85 10.85
C ILE A 232 -3.11 10.21 12.20
N ASP A 233 -3.64 9.69 13.30
CA ASP A 233 -3.06 9.92 14.62
C ASP A 233 -1.90 8.98 14.94
N ILE A 234 -1.65 7.97 14.10
CA ILE A 234 -0.56 7.04 14.33
C ILE A 234 0.72 7.63 13.74
N GLN A 235 1.70 7.90 14.60
CA GLN A 235 2.90 8.62 14.25
C GLN A 235 4.05 7.66 13.92
N GLY A 236 5.15 8.23 13.47
CA GLY A 236 6.40 7.50 13.29
C GLY A 236 6.93 7.46 11.88
N SER A 237 6.12 7.81 10.87
CA SER A 237 6.55 7.81 9.49
C SER A 237 5.93 9.01 8.80
N ASP A 238 6.36 9.30 7.58
CA ASP A 238 5.70 10.39 6.87
C ASP A 238 4.37 9.96 6.27
N HIS A 239 4.12 8.65 6.17
CA HIS A 239 2.80 8.12 5.87
C HIS A 239 2.08 7.74 7.15
N ALA A 240 0.73 7.81 7.10
CA ALA A 240 -0.10 7.21 8.14
C ALA A 240 -0.63 5.86 7.68
N PRO A 241 -0.91 4.94 8.60
CA PRO A 241 -1.49 3.66 8.21
C PRO A 241 -2.92 3.82 7.72
N ILE A 242 -3.33 2.95 6.81
CA ILE A 242 -4.71 2.89 6.36
C ILE A 242 -5.29 1.54 6.77
N ILE A 243 -6.61 1.48 6.81
CA ILE A 243 -7.29 0.27 7.26
C ILE A 243 -8.48 -0.02 6.35
N LEU A 244 -8.70 -1.30 6.09
CA LEU A 244 -9.88 -1.80 5.42
C LEU A 244 -10.43 -2.95 6.24
N GLU A 245 -11.70 -2.84 6.64
CA GLU A 245 -12.39 -3.90 7.35
C GLU A 245 -13.45 -4.52 6.46
N LEU A 246 -13.42 -5.85 6.32
CA LEU A 246 -14.42 -6.60 5.59
C LEU A 246 -15.41 -7.26 6.54
N THR A 247 -16.60 -7.54 6.03
CA THR A 247 -17.58 -8.37 6.74
C THR A 247 -17.07 -9.81 6.87
#